data_1OAY
#
_entry.id   1OAY
#
_cell.length_a   79.174
_cell.length_b   79.142
_cell.length_c   168.910
_cell.angle_alpha   90.00
_cell.angle_beta   90.00
_cell.angle_gamma   90.00
#
_symmetry.space_group_name_H-M   'P 21 21 21'
#
loop_
_entity.id
_entity.type
_entity.pdbx_description
1 polymer 'IMMUNOGLOBULIN E'
2 polymer 'IMMUNOGLOBULIN E'
3 non-polymer Furazolidone
4 water water
#
loop_
_entity_poly.entity_id
_entity_poly.type
_entity_poly.pdbx_seq_one_letter_code
_entity_poly.pdbx_strand_id
1 'polypeptide(L)'
;EVQLQQSGAELVKPGASVKLSCKASGYTFTSYWMHWVKQRPGRGLEWIGRIDPNGGGTKYNLKFKSKATLTVDKPSSTAY
MQLSSLTSEDSAVYYCARMWYYGTYYFDYWGQGTTLTVSSAA
;
H,J
2 'polypeptide(L)'
;QAVVTQESALTTSPGETVTLTCRSSTGAVTTSNYANWVQEKPRHLFTGLIGGTNNRAPGVPARFSGSLIGNKAALTITGA
QTEDEAIYFCALWYSNHLVFGGGTKLTVLT
;
L,M,N,O
#
# COMPACT_ATOMS: atom_id res chain seq x y z
N VAL A 2 27.41 -12.12 37.61
CA VAL A 2 27.19 -12.65 36.23
C VAL A 2 28.44 -13.36 35.72
N GLN A 3 28.29 -14.62 35.32
CA GLN A 3 29.40 -15.43 34.82
C GLN A 3 28.98 -16.27 33.62
N LEU A 4 29.82 -16.27 32.58
CA LEU A 4 29.59 -17.08 31.38
C LEU A 4 30.73 -18.09 31.23
N GLN A 5 30.54 -19.28 31.82
CA GLN A 5 31.57 -20.32 31.81
C GLN A 5 31.40 -21.25 30.60
N GLN A 6 32.27 -21.09 29.62
CA GLN A 6 32.23 -21.91 28.40
C GLN A 6 32.98 -23.23 28.60
N SER A 7 32.86 -24.12 27.63
CA SER A 7 33.49 -25.44 27.70
C SER A 7 35.01 -25.38 27.48
N GLY A 8 35.68 -26.48 27.79
CA GLY A 8 37.13 -26.58 27.65
C GLY A 8 37.57 -26.75 26.21
N ALA A 9 38.89 -26.75 26.00
CA ALA A 9 39.46 -26.83 24.66
C ALA A 9 39.07 -28.13 23.96
N GLU A 10 38.79 -28.03 22.66
CA GLU A 10 38.32 -29.16 21.85
C GLU A 10 39.33 -29.54 20.77
N LEU A 11 39.44 -30.83 20.49
CA LEU A 11 40.23 -31.35 19.38
C LEU A 11 39.35 -32.22 18.50
N VAL A 12 39.14 -31.81 17.25
CA VAL A 12 38.24 -32.50 16.34
C VAL A 12 38.79 -32.55 14.91
N LYS A 13 38.53 -33.66 14.21
CA LYS A 13 39.05 -33.85 12.86
C LYS A 13 38.24 -33.08 11.83
N PRO A 14 38.81 -32.82 10.65
CA PRO A 14 38.06 -32.20 9.54
C PRO A 14 36.96 -33.13 9.01
N GLY A 15 35.77 -32.58 8.83
CA GLY A 15 34.61 -33.35 8.38
C GLY A 15 33.62 -33.60 9.51
N ALA A 16 34.13 -33.84 10.71
CA ALA A 16 33.30 -34.09 11.89
C ALA A 16 32.71 -32.79 12.44
N SER A 17 31.84 -32.93 13.43
CA SER A 17 31.19 -31.79 14.09
C SER A 17 31.64 -31.66 15.54
N VAL A 18 31.24 -30.56 16.17
CA VAL A 18 31.60 -30.29 17.57
C VAL A 18 30.57 -29.37 18.24
N LYS A 19 30.26 -29.64 19.50
CA LYS A 19 29.28 -28.85 20.24
C LYS A 19 29.92 -28.11 21.42
N LEU A 20 29.91 -26.79 21.35
CA LEU A 20 30.43 -25.94 22.42
C LEU A 20 29.27 -25.49 23.32
N SER A 21 29.60 -25.00 24.52
CA SER A 21 28.58 -24.58 25.48
C SER A 21 28.89 -23.21 26.11
N CYS A 22 27.94 -22.71 26.89
CA CYS A 22 28.09 -21.43 27.59
C CYS A 22 27.07 -21.32 28.72
N LYS A 23 27.38 -21.95 29.85
CA LYS A 23 26.49 -21.98 31.01
C LYS A 23 26.41 -20.62 31.72
N ALA A 24 25.37 -19.86 31.41
CA ALA A 24 25.12 -18.58 32.06
C ALA A 24 24.57 -18.78 33.47
N SER A 25 24.84 -17.82 34.35
CA SER A 25 24.40 -17.90 35.75
C SER A 25 24.44 -16.54 36.45
N GLY A 26 23.65 -16.42 37.52
CA GLY A 26 23.60 -15.21 38.32
C GLY A 26 22.61 -14.16 37.84
N TYR A 27 21.81 -14.50 36.83
CA TYR A 27 20.79 -13.59 36.32
C TYR A 27 19.68 -14.34 35.56
N THR A 28 18.65 -13.59 35.13
CA THR A 28 17.55 -14.17 34.37
C THR A 28 18.01 -14.50 32.95
N PHE A 29 18.02 -15.78 32.62
CA PHE A 29 18.53 -16.26 31.33
C PHE A 29 17.69 -15.78 30.15
N THR A 30 16.37 -15.75 30.33
CA THR A 30 15.45 -15.39 29.24
C THR A 30 15.32 -13.88 29.00
N SER A 31 15.93 -13.07 29.88
CA SER A 31 15.87 -11.60 29.76
C SER A 31 16.88 -11.04 28.75
N TYR A 32 18.02 -11.72 28.60
CA TYR A 32 19.10 -11.26 27.72
C TYR A 32 19.31 -12.19 26.52
N TRP A 33 19.78 -11.62 25.41
CA TRP A 33 20.21 -12.40 24.25
C TRP A 33 21.55 -13.09 24.53
N MET A 34 22.08 -13.79 23.54
CA MET A 34 23.37 -14.47 23.67
C MET A 34 24.04 -14.61 22.30
N HIS A 35 24.92 -13.65 21.98
CA HIS A 35 25.64 -13.62 20.71
C HIS A 35 26.78 -14.64 20.69
N TRP A 36 27.39 -14.80 19.52
CA TRP A 36 28.56 -15.66 19.34
C TRP A 36 29.54 -15.01 18.37
N VAL A 37 30.82 -15.02 18.72
CA VAL A 37 31.87 -14.35 17.95
C VAL A 37 33.02 -15.31 17.61
N LYS A 38 33.75 -14.98 16.55
CA LYS A 38 34.89 -15.77 16.09
C LYS A 38 36.14 -14.91 16.02
N GLN A 39 37.09 -15.17 16.93
CA GLN A 39 38.35 -14.43 16.97
C GLN A 39 39.50 -15.30 16.47
N ARG A 40 39.89 -15.09 15.22
CA ARG A 40 41.11 -15.69 14.67
C ARG A 40 42.24 -14.68 14.76
N PRO A 41 43.49 -15.15 14.78
CA PRO A 41 44.64 -14.24 14.71
C PRO A 41 44.66 -13.42 13.42
N GLY A 42 44.84 -12.11 13.54
CA GLY A 42 44.96 -11.23 12.39
C GLY A 42 43.67 -10.92 11.65
N ARG A 43 42.53 -11.35 12.19
CA ARG A 43 41.23 -11.12 11.58
C ARG A 43 40.29 -10.31 12.48
N GLY A 44 40.73 -9.97 13.69
CA GLY A 44 39.90 -9.26 14.65
C GLY A 44 38.76 -10.13 15.13
N LEU A 45 37.55 -9.57 15.10
CA LEU A 45 36.33 -10.33 15.43
C LEU A 45 35.49 -10.55 14.18
N GLU A 46 34.64 -11.56 14.22
CA GLU A 46 33.80 -11.93 13.08
C GLU A 46 32.47 -12.53 13.55
N TRP A 47 31.37 -11.91 13.15
CA TRP A 47 30.05 -12.26 13.68
C TRP A 47 29.53 -13.60 13.13
N ILE A 48 28.97 -14.41 14.04
CA ILE A 48 28.37 -15.70 13.69
C ILE A 48 26.84 -15.60 13.74
N GLY A 49 26.32 -15.06 14.84
CA GLY A 49 24.89 -14.90 15.01
C GLY A 49 24.47 -14.50 16.42
N ARG A 50 23.19 -14.70 16.73
CA ARG A 50 22.66 -14.44 18.06
C ARG A 50 21.31 -15.15 18.29
N ILE A 51 21.03 -15.49 19.55
CA ILE A 51 19.79 -16.17 19.89
C ILE A 51 19.08 -15.53 21.09
N ASP A 52 17.79 -15.27 20.92
CA ASP A 52 16.92 -14.89 22.04
C ASP A 52 16.48 -16.18 22.72
N PRO A 53 16.91 -16.42 23.96
CA PRO A 53 16.53 -17.64 24.69
C PRO A 53 15.03 -17.85 24.82
N ASN A 54 14.28 -16.76 25.01
CA ASN A 54 12.83 -16.82 25.07
C ASN A 54 12.24 -16.99 23.65
N GLY A 55 11.95 -18.24 23.30
CA GLY A 55 11.42 -18.57 21.99
C GLY A 55 12.44 -19.19 21.04
N GLY A 56 13.72 -19.05 21.37
CA GLY A 56 14.80 -19.61 20.56
C GLY A 56 14.90 -19.06 19.14
N GLY A 57 14.48 -17.82 18.94
CA GLY A 57 14.57 -17.16 17.64
C GLY A 57 16.01 -16.79 17.33
N THR A 58 16.38 -16.81 16.06
CA THR A 58 17.78 -16.60 15.65
C THR A 58 17.95 -15.63 14.48
N LYS A 59 19.17 -15.11 14.36
CA LYS A 59 19.56 -14.21 13.28
C LYS A 59 21.03 -14.44 12.97
N TYR A 60 21.32 -14.98 11.78
CA TYR A 60 22.69 -15.37 11.42
C TYR A 60 23.31 -14.42 10.40
N ASN A 61 24.64 -14.42 10.37
CA ASN A 61 25.40 -13.82 9.28
C ASN A 61 25.25 -14.70 8.05
N LEU A 62 25.27 -14.09 6.87
CA LEU A 62 25.12 -14.83 5.61
C LEU A 62 26.28 -15.82 5.37
N LYS A 63 27.44 -15.51 5.94
CA LYS A 63 28.61 -16.39 5.84
C LYS A 63 28.46 -17.63 6.72
N PHE A 64 27.98 -17.44 7.95
CA PHE A 64 27.87 -18.53 8.93
C PHE A 64 26.43 -19.02 9.11
N LYS A 65 25.64 -19.02 8.04
CA LYS A 65 24.26 -19.51 8.11
C LYS A 65 24.21 -21.04 8.02
N SER A 66 25.09 -21.62 7.21
CA SER A 66 25.18 -23.07 7.04
C SER A 66 26.29 -23.69 7.89
N LYS A 67 26.88 -22.90 8.79
CA LYS A 67 27.98 -23.35 9.64
C LYS A 67 27.52 -23.55 11.09
N ALA A 68 27.07 -22.47 11.72
CA ALA A 68 26.71 -22.48 13.14
C ALA A 68 25.25 -22.87 13.36
N THR A 69 24.94 -23.31 14.58
CA THR A 69 23.59 -23.68 14.98
C THR A 69 23.33 -23.30 16.43
N LEU A 70 22.77 -22.11 16.63
CA LEU A 70 22.51 -21.58 17.97
C LEU A 70 21.21 -22.14 18.55
N THR A 71 21.30 -22.73 19.74
CA THR A 71 20.14 -23.22 20.48
C THR A 71 20.28 -22.93 21.98
N VAL A 72 19.25 -23.24 22.75
CA VAL A 72 19.28 -23.06 24.20
C VAL A 72 18.56 -24.18 24.96
N ASP A 73 18.87 -24.28 26.25
CA ASP A 73 18.19 -25.18 27.17
C ASP A 73 17.83 -24.38 28.42
N LYS A 74 16.55 -24.05 28.55
CA LYS A 74 16.08 -23.15 29.61
C LYS A 74 16.29 -23.66 31.05
N PRO A 75 16.06 -24.96 31.30
CA PRO A 75 16.32 -25.54 32.62
C PRO A 75 17.77 -25.36 33.10
N SER A 76 18.74 -25.61 32.23
CA SER A 76 20.17 -25.50 32.60
C SER A 76 20.76 -24.12 32.35
N SER A 77 19.97 -23.23 31.73
CA SER A 77 20.41 -21.87 31.39
C SER A 77 21.67 -21.83 30.51
N THR A 78 21.82 -22.82 29.64
CA THR A 78 23.01 -22.96 28.79
C THR A 78 22.74 -22.47 27.37
N ALA A 79 23.81 -22.13 26.65
CA ALA A 79 23.72 -21.74 25.24
C ALA A 79 24.77 -22.50 24.43
N TYR A 80 24.35 -23.14 23.35
CA TYR A 80 25.22 -23.99 22.54
C TYR A 80 25.44 -23.43 21.13
N MET A 81 26.39 -24.02 20.42
CA MET A 81 26.70 -23.64 19.04
C MET A 81 27.44 -24.77 18.34
N GLN A 82 26.74 -25.50 17.46
CA GLN A 82 27.33 -26.61 16.73
C GLN A 82 27.92 -26.14 15.40
N LEU A 83 29.23 -26.32 15.24
CA LEU A 83 29.92 -26.03 13.98
C LEU A 83 30.12 -27.32 13.21
N SER A 84 29.62 -27.35 11.97
CA SER A 84 29.63 -28.55 11.15
C SER A 84 30.49 -28.38 9.89
N SER A 85 30.91 -29.49 9.30
CA SER A 85 31.78 -29.49 8.13
C SER A 85 33.05 -28.67 8.40
N LEU A 86 33.77 -29.05 9.45
CA LEU A 86 34.91 -28.28 9.94
C LEU A 86 36.10 -28.33 8.98
N THR A 87 36.79 -27.20 8.85
CA THR A 87 37.98 -27.07 8.02
C THR A 87 39.08 -26.33 8.78
N SER A 88 40.16 -26.00 8.09
CA SER A 88 41.25 -25.20 8.67
C SER A 88 40.81 -23.76 9.00
N GLU A 89 39.80 -23.27 8.28
CA GLU A 89 39.29 -21.91 8.46
C GLU A 89 38.51 -21.74 9.77
N ASP A 90 37.92 -22.83 10.27
CA ASP A 90 37.10 -22.78 11.49
C ASP A 90 37.91 -22.81 12.79
N SER A 91 39.23 -22.93 12.69
CA SER A 91 40.10 -22.94 13.87
C SER A 91 40.15 -21.56 14.52
N ALA A 92 39.37 -21.38 15.58
CA ALA A 92 39.27 -20.08 16.27
C ALA A 92 38.69 -20.19 17.68
N VAL A 93 38.97 -19.18 18.50
CA VAL A 93 38.45 -19.12 19.87
C VAL A 93 37.05 -18.48 19.85
N TYR A 94 36.04 -19.27 20.22
CA TYR A 94 34.64 -18.82 20.16
C TYR A 94 34.14 -18.34 21.52
N TYR A 95 33.55 -17.16 21.54
CA TYR A 95 33.05 -16.53 22.77
C TYR A 95 31.53 -16.44 22.77
N CYS A 96 30.97 -16.08 23.93
CA CYS A 96 29.54 -15.81 24.06
C CYS A 96 29.32 -14.54 24.88
N ALA A 97 28.59 -13.59 24.31
CA ALA A 97 28.43 -12.26 24.91
C ALA A 97 26.95 -11.84 24.96
N ARG A 98 26.39 -11.82 26.17
CA ARG A 98 25.01 -11.41 26.38
C ARG A 98 24.79 -9.92 26.06
N MET A 99 23.53 -9.55 25.82
CA MET A 99 23.20 -8.19 25.43
C MET A 99 21.80 -7.78 25.90
N TRP A 100 21.73 -6.64 26.58
CA TRP A 100 20.45 -5.99 26.88
C TRP A 100 19.92 -5.39 25.59
N TYR A 101 18.63 -5.55 25.34
CA TYR A 101 18.03 -5.12 24.06
C TYR A 101 16.69 -4.39 24.19
N TYR A 102 16.32 -3.96 25.40
CA TYR A 102 15.06 -3.25 25.62
C TYR A 102 15.32 -1.74 25.69
N GLY A 103 15.33 -1.10 24.53
CA GLY A 103 15.58 0.33 24.42
C GLY A 103 16.92 0.63 23.77
N THR A 104 17.94 -0.11 24.17
CA THR A 104 19.28 0.01 23.59
C THR A 104 20.00 -1.33 23.54
N TYR A 105 20.89 -1.48 22.55
CA TYR A 105 21.58 -2.74 22.30
C TYR A 105 23.06 -2.64 22.65
N TYR A 106 23.42 -3.07 23.88
CA TYR A 106 24.80 -3.00 24.36
C TYR A 106 25.31 -4.31 24.97
N PHE A 107 26.58 -4.62 24.71
CA PHE A 107 27.24 -5.78 25.32
C PHE A 107 27.69 -5.44 26.74
N ASP A 108 28.08 -6.46 27.49
CA ASP A 108 28.55 -6.28 28.87
C ASP A 108 29.45 -7.42 29.36
N TYR A 109 28.86 -8.61 29.50
CA TYR A 109 29.57 -9.77 30.03
C TYR A 109 29.92 -10.78 28.94
N TRP A 110 31.20 -11.07 28.79
CA TRP A 110 31.70 -12.04 27.82
C TRP A 110 32.21 -13.30 28.53
N GLY A 111 32.46 -14.35 27.75
CA GLY A 111 33.01 -15.59 28.28
C GLY A 111 34.52 -15.61 28.15
N GLN A 112 35.16 -16.63 28.73
CA GLN A 112 36.62 -16.77 28.70
C GLN A 112 37.14 -17.20 27.33
N GLY A 113 36.31 -17.93 26.57
CA GLY A 113 36.68 -18.40 25.25
C GLY A 113 36.97 -19.89 25.24
N THR A 114 36.82 -20.51 24.07
CA THR A 114 37.06 -21.94 23.89
C THR A 114 37.86 -22.18 22.61
N THR A 115 39.15 -22.46 22.76
CA THR A 115 40.05 -22.63 21.61
C THR A 115 39.75 -23.93 20.86
N LEU A 116 39.30 -23.78 19.61
CA LEU A 116 39.01 -24.91 18.74
C LEU A 116 40.16 -25.10 17.75
N THR A 117 40.63 -26.34 17.64
CA THR A 117 41.73 -26.68 16.73
C THR A 117 41.30 -27.84 15.82
N VAL A 118 40.98 -27.51 14.57
CA VAL A 118 40.60 -28.52 13.58
C VAL A 118 41.86 -29.20 13.04
N SER A 119 42.24 -30.30 13.67
CA SER A 119 43.49 -30.99 13.38
C SER A 119 43.23 -32.40 12.86
N SER A 120 43.87 -32.75 11.75
CA SER A 120 43.74 -34.08 11.14
C SER A 120 44.51 -35.12 11.94
N ALA A 121 44.03 -36.36 11.92
CA ALA A 121 44.69 -37.47 12.60
C ALA A 121 45.86 -37.96 11.76
N ALA A 122 47.06 -37.93 12.33
CA ALA A 122 48.28 -38.37 11.65
C ALA A 122 48.33 -39.89 11.52
N VAL B 2 -29.04 4.06 -38.93
CA VAL B 2 -29.04 3.26 -37.67
C VAL B 2 -30.48 2.94 -37.25
N GLN B 3 -30.76 1.66 -37.07
CA GLN B 3 -32.10 1.18 -36.69
C GLN B 3 -32.02 0.05 -35.67
N LEU B 4 -32.81 0.16 -34.61
CA LEU B 4 -32.91 -0.87 -33.58
C LEU B 4 -34.32 -1.47 -33.57
N GLN B 5 -34.52 -2.54 -34.32
CA GLN B 5 -35.83 -3.17 -34.47
C GLN B 5 -36.01 -4.31 -33.46
N GLN B 6 -36.79 -4.03 -32.41
CA GLN B 6 -37.05 -5.03 -31.36
C GLN B 6 -38.19 -5.96 -31.76
N SER B 7 -38.40 -7.00 -30.95
CA SER B 7 -39.44 -7.99 -31.20
C SER B 7 -40.85 -7.45 -30.93
N GLY B 8 -41.85 -8.20 -31.39
CA GLY B 8 -43.24 -7.82 -31.21
C GLY B 8 -43.75 -8.06 -29.81
N ALA B 9 -45.02 -7.72 -29.58
CA ALA B 9 -45.64 -7.84 -28.26
C ALA B 9 -45.69 -9.30 -27.78
N GLU B 10 -45.41 -9.49 -26.50
CA GLU B 10 -45.34 -10.83 -25.90
C GLU B 10 -46.44 -11.03 -24.85
N LEU B 11 -47.00 -12.24 -24.82
CA LEU B 11 -47.95 -12.64 -23.79
C LEU B 11 -47.42 -13.90 -23.09
N VAL B 12 -47.11 -13.78 -21.80
CA VAL B 12 -46.50 -14.89 -21.05
C VAL B 12 -47.06 -15.00 -19.63
N LYS B 13 -47.17 -16.23 -19.14
CA LYS B 13 -47.78 -16.50 -17.84
C LYS B 13 -46.80 -16.21 -16.69
N PRO B 14 -47.33 -16.01 -15.48
CA PRO B 14 -46.46 -15.87 -14.29
C PRO B 14 -45.72 -17.17 -13.96
N GLY B 15 -44.42 -17.06 -13.72
CA GLY B 15 -43.58 -18.22 -13.45
C GLY B 15 -42.70 -18.59 -14.64
N ALA B 16 -43.23 -18.42 -15.84
CA ALA B 16 -42.51 -18.72 -17.07
C ALA B 16 -41.49 -17.63 -17.41
N SER B 17 -40.70 -17.87 -18.45
CA SER B 17 -39.69 -16.92 -18.91
C SER B 17 -40.03 -16.39 -20.31
N VAL B 18 -39.26 -15.40 -20.76
CA VAL B 18 -39.44 -14.79 -22.08
C VAL B 18 -38.15 -14.16 -22.59
N LYS B 19 -37.91 -14.28 -23.89
CA LYS B 19 -36.69 -13.74 -24.50
C LYS B 19 -37.02 -12.66 -25.54
N LEU B 20 -36.64 -11.42 -25.25
CA LEU B 20 -36.82 -10.31 -26.17
C LEU B 20 -35.57 -10.16 -27.04
N SER B 21 -35.67 -9.36 -28.10
CA SER B 21 -34.56 -9.14 -29.03
C SER B 21 -34.38 -7.67 -29.41
N CYS B 22 -33.30 -7.39 -30.13
CA CYS B 22 -33.00 -6.02 -30.59
C CYS B 22 -31.96 -6.07 -31.72
N LYS B 23 -32.45 -6.36 -32.93
CA LYS B 23 -31.59 -6.49 -34.11
C LYS B 23 -31.06 -5.14 -34.59
N ALA B 24 -29.83 -4.82 -34.19
CA ALA B 24 -29.16 -3.60 -34.61
C ALA B 24 -28.67 -3.74 -36.06
N SER B 25 -28.59 -2.61 -36.76
CA SER B 25 -28.16 -2.60 -38.16
C SER B 25 -27.72 -1.21 -38.65
N GLY B 26 -26.91 -1.18 -39.69
CA GLY B 26 -26.44 0.06 -40.29
C GLY B 26 -25.18 0.63 -39.67
N TYR B 27 -24.56 -0.12 -38.75
CA TYR B 27 -23.31 0.31 -38.11
C TYR B 27 -22.53 -0.86 -37.52
N THR B 28 -21.34 -0.58 -37.00
CA THR B 28 -20.50 -1.60 -36.38
C THR B 28 -21.08 -1.99 -35.02
N PHE B 29 -21.54 -3.23 -34.92
CA PHE B 29 -22.24 -3.73 -33.72
C PHE B 29 -21.34 -3.73 -32.47
N THR B 30 -20.08 -4.15 -32.65
CA THR B 30 -19.14 -4.27 -31.53
C THR B 30 -18.62 -2.93 -31.02
N SER B 31 -18.71 -1.89 -31.83
CA SER B 31 -18.20 -0.56 -31.47
C SER B 31 -19.01 0.14 -30.37
N TYR B 32 -20.30 -0.19 -30.27
CA TYR B 32 -21.19 0.46 -29.31
C TYR B 32 -21.74 -0.52 -28.27
N TRP B 33 -22.02 -0.02 -27.07
CA TRP B 33 -22.70 -0.78 -26.03
C TRP B 33 -24.19 -0.92 -26.38
N MET B 34 -24.95 -1.59 -25.50
CA MET B 34 -26.39 -1.77 -25.71
C MET B 34 -27.11 -1.92 -24.36
N HIS B 35 -27.64 -0.81 -23.87
CA HIS B 35 -28.35 -0.77 -22.59
C HIS B 35 -29.76 -1.34 -22.72
N TRP B 36 -30.43 -1.49 -21.58
CA TRP B 36 -31.82 -1.92 -21.52
C TRP B 36 -32.56 -1.17 -20.41
N VAL B 37 -33.75 -0.67 -20.73
CA VAL B 37 -34.52 0.17 -19.81
C VAL B 37 -35.94 -0.36 -19.60
N LYS B 38 -36.53 -0.03 -18.46
CA LYS B 38 -37.88 -0.47 -18.09
C LYS B 38 -38.78 0.74 -17.86
N GLN B 39 -39.77 0.93 -18.74
CA GLN B 39 -40.69 2.04 -18.64
C GLN B 39 -42.09 1.57 -18.27
N ARG B 40 -42.45 1.72 -17.00
CA ARG B 40 -43.80 1.46 -16.53
C ARG B 40 -44.55 2.79 -16.39
N PRO B 41 -45.88 2.75 -16.39
CA PRO B 41 -46.67 3.95 -16.12
C PRO B 41 -46.41 4.52 -14.72
N GLY B 42 -46.12 5.81 -14.64
CA GLY B 42 -45.93 6.49 -13.37
C GLY B 42 -44.63 6.21 -12.64
N ARG B 43 -43.71 5.48 -13.29
CA ARG B 43 -42.43 5.16 -12.70
C ARG B 43 -41.25 5.76 -13.48
N GLY B 44 -41.53 6.42 -14.60
CA GLY B 44 -40.50 7.00 -15.45
C GLY B 44 -39.70 5.91 -16.13
N LEU B 45 -38.37 5.97 -15.96
CA LEU B 45 -37.47 4.93 -16.47
C LEU B 45 -36.76 4.23 -15.30
N GLU B 46 -36.30 3.01 -15.54
CA GLU B 46 -35.64 2.22 -14.51
C GLU B 46 -34.58 1.30 -15.13
N TRP B 47 -33.33 1.45 -14.67
CA TRP B 47 -32.19 0.78 -15.30
C TRP B 47 -32.15 -0.73 -15.00
N ILE B 48 -31.91 -1.51 -16.05
CA ILE B 48 -31.78 -2.96 -15.94
C ILE B 48 -30.30 -3.36 -16.03
N GLY B 49 -29.60 -2.83 -17.03
CA GLY B 49 -28.19 -3.13 -17.22
C GLY B 49 -27.62 -2.65 -18.55
N ARG B 50 -26.47 -3.20 -18.92
CA ARG B 50 -25.84 -2.89 -20.21
C ARG B 50 -24.80 -3.95 -20.59
N ILE B 51 -24.61 -4.15 -21.89
CA ILE B 51 -23.66 -5.15 -22.38
C ILE B 51 -22.78 -4.61 -23.51
N ASP B 52 -21.46 -4.74 -23.34
CA ASP B 52 -20.50 -4.50 -24.41
C ASP B 52 -20.48 -5.75 -25.29
N PRO B 53 -20.92 -5.64 -26.54
CA PRO B 53 -20.96 -6.80 -27.44
C PRO B 53 -19.58 -7.45 -27.68
N ASN B 54 -18.53 -6.64 -27.67
CA ASN B 54 -17.16 -7.15 -27.77
C ASN B 54 -16.72 -7.78 -26.45
N GLY B 55 -16.90 -9.10 -26.34
CA GLY B 55 -16.57 -9.84 -25.12
C GLY B 55 -17.77 -10.17 -24.25
N GLY B 56 -18.94 -9.61 -24.58
CA GLY B 56 -20.17 -9.88 -23.84
C GLY B 56 -20.12 -9.61 -22.35
N GLY B 57 -19.33 -8.62 -21.93
CA GLY B 57 -19.23 -8.25 -20.53
C GLY B 57 -20.45 -7.44 -20.10
N THR B 58 -20.89 -7.62 -18.85
CA THR B 58 -22.12 -7.01 -18.38
C THR B 58 -21.94 -6.20 -17.08
N LYS B 59 -22.93 -5.35 -16.81
CA LYS B 59 -22.99 -4.56 -15.58
C LYS B 59 -24.46 -4.31 -15.25
N TYR B 60 -24.93 -4.92 -14.16
CA TYR B 60 -26.35 -4.90 -13.81
C TYR B 60 -26.66 -3.98 -12.64
N ASN B 61 -27.93 -3.56 -12.57
CA ASN B 61 -28.47 -2.92 -11.38
C ASN B 61 -28.66 -3.97 -10.30
N LEU B 62 -28.50 -3.58 -9.04
CA LEU B 62 -28.63 -4.50 -7.91
C LEU B 62 -30.04 -5.08 -7.79
N LYS B 63 -31.04 -4.31 -8.23
CA LYS B 63 -32.43 -4.76 -8.23
C LYS B 63 -32.69 -5.81 -9.32
N PHE B 64 -32.17 -5.56 -10.52
CA PHE B 64 -32.39 -6.44 -11.67
C PHE B 64 -31.21 -7.38 -11.94
N LYS B 65 -30.50 -7.79 -10.89
CA LYS B 65 -29.37 -8.71 -11.04
C LYS B 65 -29.86 -10.17 -11.16
N SER B 66 -30.91 -10.50 -10.42
CA SER B 66 -31.50 -11.84 -10.46
C SER B 66 -32.71 -11.93 -11.39
N LYS B 67 -32.87 -10.94 -12.27
CA LYS B 67 -34.01 -10.87 -13.18
C LYS B 67 -33.57 -10.99 -14.63
N ALA B 68 -32.75 -10.05 -15.09
CA ALA B 68 -32.36 -9.94 -16.50
C ALA B 68 -31.09 -10.70 -16.83
N THR B 69 -30.93 -11.08 -18.10
CA THR B 69 -29.75 -11.78 -18.60
C THR B 69 -29.37 -11.25 -19.99
N LEU B 70 -28.46 -10.29 -20.02
CA LEU B 70 -28.03 -9.67 -21.28
C LEU B 70 -26.97 -10.52 -21.98
N THR B 71 -27.23 -10.84 -23.25
CA THR B 71 -26.26 -11.53 -24.11
C THR B 71 -26.25 -10.93 -25.52
N VAL B 72 -25.36 -11.43 -26.37
CA VAL B 72 -25.31 -11.01 -27.78
C VAL B 72 -24.96 -12.15 -28.73
N ASP B 73 -25.30 -11.96 -30.00
CA ASP B 73 -24.92 -12.85 -31.09
C ASP B 73 -24.28 -12.00 -32.18
N LYS B 74 -22.96 -12.09 -32.31
CA LYS B 74 -22.20 -11.22 -33.21
C LYS B 74 -22.53 -11.39 -34.70
N PRO B 75 -22.72 -12.63 -35.18
CA PRO B 75 -23.12 -12.87 -36.58
C PRO B 75 -24.42 -12.15 -36.99
N SER B 76 -25.45 -12.21 -36.15
CA SER B 76 -26.74 -11.59 -36.44
C SER B 76 -26.86 -10.14 -35.96
N SER B 77 -25.85 -9.68 -35.22
CA SER B 77 -25.82 -8.32 -34.64
C SER B 77 -27.04 -8.01 -33.75
N THR B 78 -27.52 -9.03 -33.04
CA THR B 78 -28.71 -8.90 -32.19
C THR B 78 -28.34 -8.84 -30.70
N ALA B 79 -29.22 -8.26 -29.90
CA ALA B 79 -29.05 -8.19 -28.45
C ALA B 79 -30.32 -8.68 -27.76
N TYR B 80 -30.16 -9.60 -26.80
CA TYR B 80 -31.29 -10.23 -26.11
C TYR B 80 -31.33 -9.89 -24.63
N MET B 81 -32.47 -10.17 -24.00
CA MET B 81 -32.65 -9.96 -22.57
C MET B 81 -33.72 -10.91 -22.03
N GLN B 82 -33.30 -11.93 -21.30
CA GLN B 82 -34.21 -12.93 -20.75
C GLN B 82 -34.66 -12.55 -19.34
N LEU B 83 -35.96 -12.26 -19.19
CA LEU B 83 -36.56 -11.98 -17.89
C LEU B 83 -37.20 -13.27 -17.36
N SER B 84 -36.77 -13.68 -16.16
CA SER B 84 -37.22 -14.94 -15.56
C SER B 84 -37.96 -14.71 -14.26
N SER B 85 -38.75 -15.71 -13.85
CA SER B 85 -39.60 -15.62 -12.66
C SER B 85 -40.51 -14.39 -12.75
N LEU B 86 -41.31 -14.34 -13.81
CA LEU B 86 -42.12 -13.17 -14.13
C LEU B 86 -43.29 -12.98 -13.17
N THR B 87 -43.53 -11.72 -12.79
CA THR B 87 -44.65 -11.35 -11.94
C THR B 87 -45.39 -10.16 -12.56
N SER B 88 -46.36 -9.60 -11.83
CA SER B 88 -47.07 -8.41 -12.27
C SER B 88 -46.19 -7.16 -12.35
N GLU B 89 -45.10 -7.14 -11.59
CA GLU B 89 -44.19 -6.01 -11.55
C GLU B 89 -43.36 -5.85 -12.83
N ASP B 90 -43.15 -6.96 -13.54
CA ASP B 90 -42.33 -6.97 -14.76
C ASP B 90 -43.09 -6.54 -16.03
N SER B 91 -44.37 -6.21 -15.89
CA SER B 91 -45.17 -5.76 -17.03
C SER B 91 -44.76 -4.34 -17.43
N ALA B 92 -43.93 -4.24 -18.47
CA ALA B 92 -43.40 -2.94 -18.93
C ALA B 92 -42.85 -2.99 -20.35
N VAL B 93 -42.78 -1.81 -20.98
CA VAL B 93 -42.23 -1.68 -22.33
C VAL B 93 -40.70 -1.58 -22.25
N TYR B 94 -40.02 -2.62 -22.73
CA TYR B 94 -38.56 -2.70 -22.63
C TYR B 94 -37.88 -2.20 -23.92
N TYR B 95 -36.96 -1.26 -23.76
CA TYR B 95 -36.23 -0.65 -24.88
C TYR B 95 -34.78 -1.09 -24.92
N CYS B 96 -34.09 -0.73 -26.00
CA CYS B 96 -32.64 -0.93 -26.13
C CYS B 96 -32.00 0.31 -26.74
N ALA B 97 -30.99 0.86 -26.04
CA ALA B 97 -30.39 2.13 -26.43
C ALA B 97 -28.86 2.04 -26.47
N ARG B 98 -28.29 2.09 -27.68
CA ARG B 98 -26.84 2.05 -27.85
C ARG B 98 -26.16 3.30 -27.30
N MET B 99 -24.86 3.22 -27.05
CA MET B 99 -24.10 4.30 -26.44
C MET B 99 -22.64 4.32 -26.87
N TRP B 100 -22.18 5.47 -27.33
CA TRP B 100 -20.76 5.73 -27.54
C TRP B 100 -20.09 5.82 -26.18
N TYR B 101 -18.93 5.19 -26.01
CA TYR B 101 -18.26 5.14 -24.70
C TYR B 101 -16.75 5.39 -24.74
N TYR B 102 -16.24 5.91 -25.86
CA TYR B 102 -14.81 6.21 -26.00
C TYR B 102 -14.57 7.71 -25.80
N GLY B 103 -14.38 8.10 -24.54
CA GLY B 103 -14.16 9.49 -24.18
C GLY B 103 -15.35 10.10 -23.45
N THR B 104 -16.54 9.83 -23.96
CA THR B 104 -17.79 10.29 -23.34
C THR B 104 -18.91 9.27 -23.48
N TYR B 105 -19.83 9.27 -22.53
CA TYR B 105 -20.90 8.28 -22.45
C TYR B 105 -22.26 8.89 -22.76
N TYR B 106 -22.67 8.87 -24.02
CA TYR B 106 -23.94 9.46 -24.45
C TYR B 106 -24.82 8.49 -25.26
N PHE B 107 -26.13 8.58 -25.03
CA PHE B 107 -27.12 7.83 -25.80
C PHE B 107 -27.39 8.52 -27.14
N ASP B 108 -28.09 7.83 -28.03
CA ASP B 108 -28.43 8.41 -29.34
C ASP B 108 -29.64 7.70 -29.98
N TYR B 109 -29.48 6.42 -30.33
CA TYR B 109 -30.51 5.67 -31.03
C TYR B 109 -31.20 4.66 -30.12
N TRP B 110 -32.51 4.80 -29.96
CA TRP B 110 -33.32 3.89 -29.16
C TRP B 110 -34.19 3.02 -30.06
N GLY B 111 -34.78 1.98 -29.47
CA GLY B 111 -35.70 1.09 -30.18
C GLY B 111 -37.14 1.56 -30.00
N GLN B 112 -38.06 0.92 -30.72
CA GLN B 112 -39.48 1.28 -30.67
C GLN B 112 -40.16 0.86 -29.35
N GLY B 113 -39.65 -0.22 -28.76
CA GLY B 113 -40.20 -0.75 -27.52
C GLY B 113 -40.93 -2.06 -27.72
N THR B 114 -41.02 -2.86 -26.66
CA THR B 114 -41.68 -4.16 -26.71
C THR B 114 -42.56 -4.35 -25.47
N THR B 115 -43.87 -4.16 -25.65
CA THR B 115 -44.81 -4.23 -24.54
C THR B 115 -44.98 -5.65 -24.01
N LEU B 116 -44.56 -5.87 -22.77
CA LEU B 116 -44.70 -7.17 -22.11
C LEU B 116 -45.87 -7.14 -21.14
N THR B 117 -46.71 -8.18 -21.20
CA THR B 117 -47.88 -8.30 -20.33
C THR B 117 -47.87 -9.65 -19.62
N VAL B 118 -47.44 -9.65 -18.36
CA VAL B 118 -47.43 -10.86 -17.54
C VAL B 118 -48.83 -11.14 -17.04
N SER B 119 -49.58 -11.95 -17.79
CA SER B 119 -50.99 -12.20 -17.53
C SER B 119 -51.26 -13.69 -17.30
N SER B 120 -52.04 -14.00 -16.27
CA SER B 120 -52.39 -15.37 -15.93
C SER B 120 -53.42 -15.93 -16.90
N ALA B 121 -53.42 -17.26 -17.06
CA ALA B 121 -54.38 -17.94 -17.94
C ALA B 121 -55.66 -18.25 -17.17
N ALA B 122 -56.76 -17.62 -17.58
CA ALA B 122 -58.07 -17.83 -16.94
C ALA B 122 -58.56 -19.26 -17.16
N ALA C 2 29.54 -5.22 3.80
CA ALA C 2 29.82 -3.86 4.36
C ALA C 2 31.07 -3.89 5.24
N VAL C 3 32.14 -3.27 4.74
CA VAL C 3 33.41 -3.20 5.47
C VAL C 3 33.36 -2.08 6.51
N VAL C 4 33.81 -2.39 7.73
CA VAL C 4 33.82 -1.42 8.82
C VAL C 4 35.23 -0.89 9.04
N THR C 5 35.50 0.30 8.51
CA THR C 5 36.80 0.95 8.64
C THR C 5 36.93 1.64 9.99
N GLN C 6 38.15 1.65 10.53
CA GLN C 6 38.50 2.44 11.71
C GLN C 6 39.91 3.02 11.53
N GLU C 7 40.50 3.50 12.61
CA GLU C 7 41.94 3.76 12.64
C GLU C 7 42.61 2.47 13.08
N SER C 8 43.81 2.21 12.57
CA SER C 8 44.55 0.99 12.90
C SER C 8 45.07 1.02 14.34
N ALA C 9 45.57 2.17 14.75
CA ALA C 9 46.08 2.35 16.12
C ALA C 9 46.19 3.83 16.53
N LEU C 10 46.02 4.09 17.82
CA LEU C 10 46.18 5.44 18.38
C LEU C 10 47.09 5.41 19.61
N THR C 11 47.50 6.60 20.05
CA THR C 11 48.43 6.73 21.17
C THR C 11 48.14 7.99 21.99
N THR C 12 47.52 7.80 23.15
CA THR C 12 47.20 8.91 24.07
C THR C 12 48.13 8.87 25.28
N SER C 13 48.23 10.01 25.97
CA SER C 13 48.99 10.09 27.22
C SER C 13 48.02 9.93 28.39
N PRO C 14 48.54 9.64 29.59
CA PRO C 14 47.72 9.62 30.80
C PRO C 14 47.12 10.99 31.13
N GLY C 15 45.79 11.09 31.11
CA GLY C 15 45.08 12.33 31.42
C GLY C 15 44.48 13.00 30.20
N GLU C 16 45.06 12.78 29.03
CA GLU C 16 44.61 13.41 27.79
C GLU C 16 43.37 12.72 27.22
N THR C 17 42.64 13.45 26.37
CA THR C 17 41.46 12.92 25.71
C THR C 17 41.83 12.35 24.33
N VAL C 18 41.20 11.23 23.98
CA VAL C 18 41.44 10.56 22.70
C VAL C 18 40.13 10.11 22.07
N THR C 19 40.01 10.24 20.75
CA THR C 19 38.77 9.92 20.05
C THR C 19 38.97 8.82 19.00
N LEU C 20 38.41 7.65 19.26
CA LEU C 20 38.38 6.56 18.30
C LEU C 20 37.20 6.77 17.34
N THR C 21 37.21 6.06 16.21
CA THR C 21 36.15 6.19 15.21
C THR C 21 35.72 4.84 14.63
N CYS C 22 34.62 4.85 13.88
CA CYS C 22 34.04 3.65 13.29
C CYS C 22 33.25 3.97 12.03
N ARG C 23 33.96 4.13 10.92
CA ARG C 23 33.35 4.40 9.61
C ARG C 23 32.60 3.21 9.04
N SER C 24 31.61 3.50 8.20
CA SER C 24 30.90 2.50 7.41
C SER C 24 31.16 2.73 5.92
N SER C 25 31.25 1.65 5.15
CA SER C 25 31.53 1.73 3.73
C SER C 25 30.30 2.11 2.91
N THR C 26 29.13 1.65 3.35
CA THR C 26 27.86 1.91 2.65
C THR C 26 27.50 3.40 2.67
N GLY C 27 27.75 4.05 3.80
CA GLY C 27 27.49 5.48 3.92
C GLY C 27 27.80 6.04 5.30
N ALA C 28 27.03 7.04 5.71
CA ALA C 28 27.20 7.66 7.02
C ALA C 28 26.56 6.80 8.11
N VAL C 29 27.17 6.80 9.30
CA VAL C 29 26.68 6.00 10.42
C VAL C 29 25.57 6.76 11.15
N THR C 30 24.42 6.11 11.28
CA THR C 30 23.24 6.71 11.92
C THR C 30 22.93 6.00 13.24
N THR C 31 21.82 6.40 13.87
CA THR C 31 21.37 5.76 15.11
C THR C 31 20.73 4.39 14.87
N SER C 32 20.38 4.10 13.62
CA SER C 32 19.84 2.79 13.25
C SER C 32 20.91 1.70 13.26
N ASN C 33 22.18 2.10 13.17
CA ASN C 33 23.29 1.16 13.25
C ASN C 33 23.60 0.68 14.67
N TYR C 34 23.20 1.47 15.68
CA TYR C 34 23.41 1.11 17.08
C TYR C 34 24.88 0.76 17.33
N ALA C 35 25.76 1.75 17.16
CA ALA C 35 27.21 1.54 17.20
C ALA C 35 27.69 0.96 18.54
N ASN C 36 28.22 -0.25 18.49
CA ASN C 36 28.72 -0.95 19.67
C ASN C 36 30.23 -0.77 19.84
N TRP C 37 30.71 -1.12 21.02
CA TRP C 37 32.13 -0.97 21.39
C TRP C 37 32.51 -2.01 22.45
N VAL C 38 33.69 -2.62 22.29
CA VAL C 38 34.16 -3.66 23.20
C VAL C 38 35.68 -3.55 23.42
N GLN C 39 36.12 -3.78 24.65
CA GLN C 39 37.52 -3.67 25.03
C GLN C 39 38.13 -5.05 25.30
N GLU C 40 39.16 -5.41 24.52
CA GLU C 40 39.89 -6.66 24.72
C GLU C 40 41.23 -6.40 25.41
N LYS C 41 41.26 -6.57 26.72
CA LYS C 41 42.49 -6.56 27.50
C LYS C 41 43.25 -7.88 27.25
N PRO C 42 44.52 -7.96 27.63
CA PRO C 42 45.29 -9.20 27.47
C PRO C 42 44.66 -10.43 28.13
N ARG C 43 45.15 -11.62 27.77
CA ARG C 43 44.66 -12.91 28.28
C ARG C 43 43.21 -13.21 27.83
N HIS C 44 42.79 -12.61 26.71
CA HIS C 44 41.44 -12.77 26.17
C HIS C 44 40.35 -12.41 27.19
N LEU C 45 40.32 -11.14 27.57
CA LEU C 45 39.34 -10.63 28.53
C LEU C 45 38.47 -9.54 27.86
N PHE C 46 37.31 -9.94 27.36
CA PHE C 46 36.40 -9.01 26.69
C PHE C 46 35.40 -8.40 27.67
N THR C 47 35.00 -7.17 27.41
CA THR C 47 34.05 -6.44 28.26
C THR C 47 33.37 -5.32 27.48
N GLY C 48 32.08 -5.50 27.18
CA GLY C 48 31.31 -4.52 26.43
C GLY C 48 31.15 -3.19 27.14
N LEU C 49 31.58 -2.11 26.49
CA LEU C 49 31.55 -0.77 27.08
C LEU C 49 30.24 -0.03 26.76
N ILE C 50 29.99 0.19 25.47
CA ILE C 50 28.85 0.99 25.02
C ILE C 50 28.13 0.31 23.85
N GLY C 51 26.82 0.55 23.75
CA GLY C 51 26.02 0.08 22.64
C GLY C 51 24.76 0.89 22.43
N GLY C 52 24.22 0.85 21.22
CA GLY C 52 23.09 1.69 20.84
C GLY C 52 23.51 3.14 20.71
N THR C 53 24.70 3.34 20.12
CA THR C 53 25.32 4.66 19.95
C THR C 53 25.97 5.20 21.23
N ASN C 54 25.15 5.61 22.21
CA ASN C 54 25.64 6.33 23.39
C ASN C 54 25.20 5.78 24.76
N ASN C 55 24.47 4.68 24.78
CA ASN C 55 23.96 4.12 26.04
C ASN C 55 24.97 3.17 26.70
N ARG C 56 25.50 3.58 27.84
CA ARG C 56 26.51 2.79 28.55
C ARG C 56 25.90 1.59 29.27
N ALA C 57 26.71 0.55 29.46
CA ALA C 57 26.31 -0.63 30.19
C ALA C 57 26.57 -0.44 31.69
N PRO C 58 25.90 -1.20 32.55
CA PRO C 58 26.16 -1.15 33.99
C PRO C 58 27.55 -1.69 34.35
N GLY C 59 28.27 -0.95 35.20
CA GLY C 59 29.61 -1.35 35.63
C GLY C 59 30.74 -0.75 34.80
N VAL C 60 30.40 -0.13 33.68
CA VAL C 60 31.39 0.47 32.80
C VAL C 60 31.72 1.89 33.28
N PRO C 61 33.01 2.22 33.37
CA PRO C 61 33.44 3.58 33.71
C PRO C 61 32.78 4.66 32.86
N ALA C 62 32.42 5.78 33.48
CA ALA C 62 31.69 6.86 32.79
C ALA C 62 32.59 7.72 31.89
N ARG C 63 33.90 7.49 31.93
CA ARG C 63 34.83 8.19 31.05
C ARG C 63 34.62 7.81 29.58
N PHE C 64 34.23 6.56 29.35
CA PHE C 64 33.87 6.10 28.01
C PHE C 64 32.51 6.69 27.63
N SER C 65 32.42 7.28 26.45
CA SER C 65 31.18 7.90 25.98
C SER C 65 30.99 7.74 24.48
N GLY C 66 29.73 7.61 24.06
CA GLY C 66 29.39 7.37 22.66
C GLY C 66 28.71 8.56 22.01
N SER C 67 28.98 8.76 20.73
CA SER C 67 28.37 9.84 19.95
C SER C 67 28.51 9.61 18.43
N LEU C 68 27.90 10.49 17.64
CA LEU C 68 28.00 10.45 16.19
C LEU C 68 28.69 11.70 15.67
N ILE C 69 30.01 11.66 15.59
CA ILE C 69 30.81 12.79 15.10
C ILE C 69 30.96 12.71 13.58
N GLY C 70 30.15 13.47 12.87
CA GLY C 70 30.19 13.50 11.41
C GLY C 70 29.56 12.27 10.79
N ASN C 71 30.32 11.57 9.97
CA ASN C 71 29.85 10.36 9.30
C ASN C 71 30.35 9.07 9.96
N LYS C 72 30.73 9.15 11.23
CA LYS C 72 31.24 8.00 11.98
C LYS C 72 30.77 8.01 13.44
N ALA C 73 30.72 6.81 14.03
CA ALA C 73 30.53 6.68 15.48
C ALA C 73 31.88 6.89 16.15
N ALA C 74 31.87 7.03 17.49
CA ALA C 74 33.10 7.33 18.22
C ALA C 74 33.07 6.92 19.69
N LEU C 75 34.25 6.66 20.24
CA LEU C 75 34.42 6.29 21.64
C LEU C 75 35.45 7.22 22.30
N THR C 76 34.96 8.34 22.83
CA THR C 76 35.82 9.33 23.48
C THR C 76 36.17 8.90 24.90
N ILE C 77 37.44 8.56 25.12
CA ILE C 77 37.96 8.22 26.44
C ILE C 77 38.55 9.48 27.09
N THR C 78 37.71 10.22 27.80
CA THR C 78 38.12 11.45 28.46
C THR C 78 38.88 11.13 29.74
N GLY C 79 40.18 11.40 29.75
CA GLY C 79 41.05 11.05 30.86
C GLY C 79 41.42 9.59 30.80
N ALA C 80 42.40 9.27 29.96
CA ALA C 80 42.81 7.89 29.71
C ALA C 80 43.66 7.35 30.86
N GLN C 81 43.39 6.11 31.26
CA GLN C 81 44.12 5.44 32.34
C GLN C 81 45.20 4.52 31.77
N THR C 82 46.06 4.01 32.65
CA THR C 82 47.07 3.03 32.25
C THR C 82 46.45 1.67 31.96
N GLU C 83 45.34 1.36 32.65
CA GLU C 83 44.61 0.12 32.44
C GLU C 83 43.80 0.09 31.14
N ASP C 84 43.58 1.26 30.54
CA ASP C 84 42.85 1.37 29.27
C ASP C 84 43.63 0.86 28.06
N GLU C 85 44.93 0.63 28.23
CA GLU C 85 45.78 0.09 27.16
C GLU C 85 45.24 -1.26 26.66
N ALA C 86 44.49 -1.20 25.57
CA ALA C 86 43.83 -2.39 25.01
C ALA C 86 43.28 -2.14 23.61
N ILE C 87 42.86 -3.21 22.93
CA ILE C 87 42.27 -3.11 21.60
C ILE C 87 40.81 -2.67 21.75
N TYR C 88 40.25 -2.04 20.72
CA TYR C 88 38.88 -1.55 20.75
C TYR C 88 38.15 -1.81 19.43
N PHE C 89 37.39 -2.91 19.38
CA PHE C 89 36.58 -3.24 18.21
C PHE C 89 35.22 -2.56 18.30
N CYS C 90 34.72 -2.07 17.17
CA CYS C 90 33.35 -1.57 17.07
C CYS C 90 32.49 -2.56 16.29
N ALA C 91 31.19 -2.30 16.19
CA ALA C 91 30.28 -3.23 15.54
C ALA C 91 28.96 -2.57 15.10
N LEU C 92 28.83 -2.33 13.80
CA LEU C 92 27.64 -1.68 13.24
C LEU C 92 26.59 -2.70 12.78
N TRP C 93 25.36 -2.35 12.88
CA TRP C 93 24.21 -3.22 12.54
C TRP C 93 23.57 -2.83 11.22
N TYR C 94 23.33 -3.84 10.43
CA TYR C 94 22.86 -3.63 9.02
C TYR C 94 21.37 -3.88 8.89
N SER C 95 20.71 -4.20 9.84
CA SER C 95 19.26 -4.44 9.65
C SER C 95 19.00 -5.93 9.81
N ASN C 96 20.08 -6.77 9.67
CA ASN C 96 19.84 -8.22 9.86
C ASN C 96 20.95 -8.89 10.64
N HIS C 97 22.10 -8.29 10.77
CA HIS C 97 23.27 -8.85 11.50
C HIS C 97 24.27 -7.77 11.83
N LEU C 98 25.22 -8.22 12.56
CA LEU C 98 26.29 -7.38 13.04
C LEU C 98 27.52 -7.58 12.19
N VAL C 99 28.39 -6.59 12.21
CA VAL C 99 29.67 -6.69 11.49
C VAL C 99 30.77 -5.97 12.27
N PHE C 100 31.77 -6.73 12.72
CA PHE C 100 32.89 -6.16 13.47
C PHE C 100 33.93 -5.52 12.56
N GLY C 101 34.71 -4.60 13.13
CA GLY C 101 35.76 -3.91 12.40
C GLY C 101 37.13 -4.49 12.66
N GLY C 102 38.16 -3.81 12.18
CA GLY C 102 39.54 -4.27 12.31
C GLY C 102 40.11 -4.17 13.71
N GLY C 103 39.68 -3.14 14.45
CA GLY C 103 40.15 -2.91 15.80
C GLY C 103 41.19 -1.80 15.88
N THR C 104 41.29 -1.17 17.05
CA THR C 104 42.21 -0.05 17.25
C THR C 104 43.03 -0.25 18.53
N LYS C 105 44.31 -0.58 18.36
CA LYS C 105 45.21 -0.81 19.49
C LYS C 105 45.63 0.51 20.14
N LEU C 106 44.95 0.87 21.23
CA LEU C 106 45.31 2.04 22.02
C LEU C 106 46.50 1.73 22.92
N THR C 107 47.47 2.64 22.96
CA THR C 107 48.67 2.48 23.77
C THR C 107 48.88 3.72 24.63
N VAL C 108 48.68 3.57 25.95
CA VAL C 108 48.82 4.67 26.89
C VAL C 108 50.24 4.72 27.45
N LEU C 109 50.89 5.88 27.30
CA LEU C 109 52.26 6.06 27.74
C LEU C 109 52.33 6.22 29.26
N ALA D 2 5.58 -10.02 -18.81
CA ALA D 2 4.26 -9.42 -19.14
C ALA D 2 4.42 -8.36 -20.23
N VAL D 3 3.93 -8.66 -21.43
CA VAL D 3 4.00 -7.73 -22.56
C VAL D 3 2.87 -6.72 -22.47
N VAL D 4 3.19 -5.44 -22.68
CA VAL D 4 2.22 -4.36 -22.61
C VAL D 4 1.85 -3.90 -24.03
N THR D 5 0.71 -4.39 -24.52
CA THR D 5 0.21 -4.05 -25.84
C THR D 5 -0.49 -2.68 -25.83
N GLN D 6 -0.36 -1.95 -26.94
CA GLN D 6 -1.13 -0.72 -27.17
C GLN D 6 -1.54 -0.67 -28.65
N GLU D 7 -1.97 0.50 -29.11
CA GLU D 7 -2.07 0.77 -30.54
C GLU D 7 -0.71 1.30 -30.99
N SER D 8 0.55 1.71 -33.30
CA SER D 8 1.22 1.82 -34.61
C SER D 8 1.02 3.17 -35.33
N ALA D 9 -0.20 3.43 -35.81
CA ALA D 9 -0.59 4.79 -36.24
C ALA D 9 -2.11 5.02 -36.30
N LEU D 10 -2.64 5.77 -35.31
CA LEU D 10 -4.05 6.20 -35.27
C LEU D 10 -4.31 7.36 -36.25
N THR D 11 -5.39 8.13 -36.06
CA THR D 11 -5.57 9.44 -36.74
C THR D 11 -6.64 10.33 -36.09
N THR D 12 -6.30 11.60 -35.87
CA THR D 12 -7.27 12.61 -35.40
C THR D 12 -6.81 14.05 -35.70
N SER D 13 -7.68 15.02 -35.42
CA SER D 13 -7.41 16.44 -35.69
C SER D 13 -7.48 17.31 -34.43
N PRO D 14 -7.08 18.58 -34.53
CA PRO D 14 -7.27 19.54 -33.43
C PRO D 14 -8.74 19.87 -33.20
N GLY D 15 -9.17 19.83 -31.94
CA GLY D 15 -10.56 20.04 -31.59
C GLY D 15 -11.33 18.73 -31.40
N GLU D 16 -10.90 17.70 -32.11
CA GLU D 16 -11.53 16.38 -32.03
C GLU D 16 -11.12 15.66 -30.76
N THR D 17 -11.87 14.61 -30.42
CA THR D 17 -11.57 13.78 -29.26
C THR D 17 -10.96 12.45 -29.71
N VAL D 18 -9.86 12.05 -29.08
CA VAL D 18 -9.19 10.79 -29.40
C VAL D 18 -8.97 9.98 -28.12
N THR D 19 -9.42 8.72 -28.13
CA THR D 19 -9.27 7.84 -26.98
C THR D 19 -8.15 6.84 -27.18
N LEU D 20 -7.40 6.60 -26.11
CA LEU D 20 -6.23 5.73 -26.15
C LEU D 20 -6.44 4.53 -25.24
N THR D 21 -5.66 3.46 -25.47
CA THR D 21 -5.74 2.25 -24.65
C THR D 21 -4.36 1.83 -24.14
N CYS D 22 -4.35 0.86 -23.23
CA CYS D 22 -3.11 0.40 -22.60
C CYS D 22 -3.30 -0.96 -21.94
N ARG D 23 -1.18 -2.68 -23.62
CA ARG D 23 -2.03 -3.87 -23.32
C ARG D 23 -1.28 -4.85 -22.43
N SER D 24 -1.87 -5.16 -21.27
CA SER D 24 -1.28 -6.11 -20.33
C SER D 24 -1.46 -7.54 -20.85
N SER D 25 -0.39 -8.33 -20.73
CA SER D 25 -0.41 -9.72 -21.20
C SER D 25 -1.29 -10.61 -20.33
N THR D 26 -1.31 -10.33 -19.03
CA THR D 26 -2.13 -11.10 -18.08
C THR D 26 -3.55 -10.56 -18.03
N ALA D 28 -6.42 -8.98 -17.24
CA ALA D 28 -7.12 -7.70 -17.29
C ALA D 28 -6.42 -6.66 -16.43
N VAL D 29 -6.52 -5.39 -16.82
CA VAL D 29 -5.90 -4.30 -16.09
C VAL D 29 -6.84 -3.79 -14.99
N THR D 30 -6.29 -3.51 -13.82
CA THR D 30 -7.06 -3.04 -12.67
C THR D 30 -6.54 -1.69 -12.20
N ALA D 35 -2.11 2.59 -13.30
CA ALA D 35 -1.55 2.82 -14.63
C ALA D 35 -0.94 4.21 -14.72
N ASN D 36 0.15 4.33 -15.48
CA ASN D 36 0.84 5.59 -15.69
C ASN D 36 0.86 5.99 -17.17
N TRP D 37 1.04 7.28 -17.42
CA TRP D 37 1.05 7.81 -18.79
C TRP D 37 2.14 8.87 -18.96
N VAL D 38 2.98 8.67 -19.98
CA VAL D 38 4.17 9.47 -20.26
C VAL D 38 3.97 10.25 -21.56
N GLN D 39 4.79 11.28 -21.79
CA GLN D 39 4.71 12.10 -23.01
C GLN D 39 6.11 12.50 -23.50
N GLU D 40 6.55 11.89 -24.60
CA GLU D 40 7.89 12.14 -25.15
C GLU D 40 7.86 13.13 -26.32
N LYS D 41 8.18 14.39 -26.05
CA LYS D 41 8.42 15.37 -27.13
C LYS D 41 9.71 15.01 -27.88
N PRO D 42 9.89 15.53 -29.10
CA PRO D 42 11.12 15.29 -29.86
C PRO D 42 12.41 15.72 -29.15
N ARG D 43 13.54 15.24 -29.64
CA ARG D 43 14.87 15.52 -29.06
C ARG D 43 15.07 14.83 -27.70
N HIS D 44 14.41 13.68 -27.52
CA HIS D 44 14.45 12.90 -26.27
C HIS D 44 14.00 13.71 -25.04
N LEU D 45 13.07 14.64 -25.26
CA LEU D 45 12.45 15.38 -24.16
C LEU D 45 11.23 14.59 -23.69
N PHE D 46 11.07 14.48 -22.38
CA PHE D 46 9.96 13.72 -21.79
C PHE D 46 9.18 14.57 -20.78
N THR D 47 8.05 14.03 -20.31
CA THR D 47 7.20 14.72 -19.33
C THR D 47 6.09 13.79 -18.82
N GLY D 48 6.05 13.58 -17.51
CA GLY D 48 5.00 12.79 -16.87
C GLY D 48 3.66 13.50 -16.90
N LEU D 49 2.57 12.73 -16.81
CA LEU D 49 1.22 13.27 -16.88
C LEU D 49 0.32 12.68 -15.79
N ILE D 50 -0.06 11.41 -15.95
CA ILE D 50 -0.96 10.74 -15.00
C ILE D 50 -0.21 9.66 -14.22
N ASN D 54 -5.66 7.72 -13.12
CA ASN D 54 -6.42 8.93 -13.39
C ASN D 54 -6.01 10.11 -12.51
N ASN D 55 -4.81 10.01 -11.91
CA ASN D 55 -4.29 11.04 -11.01
C ASN D 55 -3.26 11.91 -11.71
N ARG D 56 -3.69 13.08 -12.18
CA ARG D 56 -2.81 14.03 -12.86
C ARG D 56 -2.36 15.15 -11.91
N VAL D 60 -0.25 19.72 -15.74
CA VAL D 60 -1.01 18.87 -16.64
C VAL D 60 -2.41 19.46 -16.85
N PRO D 61 -2.71 19.92 -18.07
CA PRO D 61 -4.04 20.48 -18.41
C PRO D 61 -5.23 19.56 -18.09
N ALA D 62 -6.41 20.16 -18.06
CA ALA D 62 -7.65 19.43 -17.71
C ALA D 62 -8.08 18.45 -18.81
N ARG D 63 -7.75 18.76 -20.06
CA ARG D 63 -8.06 17.88 -21.20
C ARG D 63 -7.51 16.46 -21.02
N PHE D 64 -6.33 16.34 -20.41
CA PHE D 64 -5.74 15.04 -20.12
C PHE D 64 -6.45 14.37 -18.95
N SER D 65 -7.19 13.31 -19.25
CA SER D 65 -7.97 12.58 -18.24
C SER D 65 -7.74 11.07 -18.35
N GLY D 66 -7.76 10.38 -17.21
CA GLY D 66 -7.56 8.94 -17.17
C GLY D 66 -8.80 8.19 -16.71
N SER D 67 -8.96 6.96 -17.21
CA SER D 67 -10.11 6.12 -16.86
C SER D 67 -9.83 4.63 -17.12
N LEU D 68 -10.87 3.81 -17.04
CA LEU D 68 -10.78 2.39 -17.41
C LEU D 68 -11.89 2.02 -18.40
N ILE D 69 -11.51 1.35 -19.48
CA ILE D 69 -12.44 0.95 -20.54
C ILE D 69 -12.40 -0.57 -20.70
N GLY D 70 -13.24 -1.26 -19.95
CA GLY D 70 -13.32 -2.71 -20.01
C GLY D 70 -12.17 -3.38 -19.27
N ASN D 71 -11.09 -3.66 -19.99
CA ASN D 71 -9.89 -4.27 -19.40
C ASN D 71 -8.60 -3.63 -19.92
N LYS D 72 -8.67 -2.36 -20.29
CA LYS D 72 -7.53 -1.63 -20.85
C LYS D 72 -7.56 -0.17 -20.39
N ALA D 73 -6.56 0.23 -19.60
CA ALA D 73 -6.46 1.61 -19.10
C ALA D 73 -6.36 2.61 -20.27
N ALA D 74 -6.89 3.81 -20.07
CA ALA D 74 -7.05 4.78 -21.16
C ALA D 74 -6.59 6.18 -20.81
N LEU D 75 -6.45 7.00 -21.86
CA LEU D 75 -6.05 8.41 -21.73
C LEU D 75 -6.77 9.23 -22.80
N THR D 76 -7.97 9.70 -22.49
CA THR D 76 -8.74 10.53 -23.43
C THR D 76 -8.27 11.97 -23.40
N ILE D 77 -7.93 12.51 -24.57
CA ILE D 77 -7.51 13.91 -24.71
C ILE D 77 -8.64 14.68 -25.38
N THR D 78 -9.55 15.23 -24.57
CA THR D 78 -10.71 15.95 -25.08
C THR D 78 -10.31 17.35 -25.54
N GLY D 79 -10.39 17.59 -26.85
CA GLY D 79 -9.95 18.84 -27.43
C GLY D 79 -8.44 18.90 -27.51
N ALA D 80 -7.86 18.03 -28.34
CA ALA D 80 -6.41 17.93 -28.47
C ALA D 80 -5.81 19.17 -29.16
N GLN D 81 -4.56 19.46 -28.83
CA GLN D 81 -3.87 20.64 -29.34
C GLN D 81 -2.70 20.26 -30.22
N THR D 82 -2.03 21.27 -30.78
CA THR D 82 -0.84 21.07 -31.59
C THR D 82 0.34 20.60 -30.74
N GLU D 83 0.52 21.25 -29.59
CA GLU D 83 1.62 20.93 -28.67
C GLU D 83 1.49 19.59 -27.97
N ASP D 84 0.28 19.02 -27.97
CA ASP D 84 0.02 17.73 -27.35
C ASP D 84 0.81 16.58 -27.99
N GLU D 85 1.16 16.71 -29.27
CA GLU D 85 1.93 15.68 -29.98
C GLU D 85 3.14 15.20 -29.16
N ALA D 86 3.33 13.88 -29.17
CA ALA D 86 4.50 13.24 -28.56
C ALA D 86 4.35 11.73 -28.64
N ILE D 87 5.47 11.01 -28.67
CA ILE D 87 5.43 9.56 -28.52
C ILE D 87 5.13 9.26 -27.05
N TYR D 88 3.83 9.27 -26.71
CA TYR D 88 3.41 8.99 -25.35
C TYR D 88 3.77 7.54 -25.05
N PHE D 89 4.06 7.24 -23.79
CA PHE D 89 4.25 5.86 -23.34
C PHE D 89 3.21 5.53 -22.26
N CYS D 90 3.15 4.27 -21.85
CA CYS D 90 2.27 3.86 -20.76
C CYS D 90 2.73 2.54 -20.13
N ALA D 91 2.76 2.52 -18.79
CA ALA D 91 3.21 1.34 -18.04
C ALA D 91 2.05 0.76 -17.23
N VAL D 99 6.95 -2.87 -16.56
CA VAL D 99 6.71 -3.02 -17.99
C VAL D 99 6.26 -1.68 -18.58
N PHE D 100 7.07 -1.14 -19.49
CA PHE D 100 6.78 0.15 -20.13
C PHE D 100 6.06 -0.05 -21.46
N GLY D 101 5.62 1.06 -22.06
CA GLY D 101 4.90 1.03 -23.33
C GLY D 101 5.81 0.75 -24.52
N GLY D 102 5.19 0.40 -25.64
CA GLY D 102 5.92 0.10 -26.87
C GLY D 102 6.30 1.33 -27.69
N GLY D 103 5.55 2.42 -27.51
CA GLY D 103 5.80 3.66 -28.23
C GLY D 103 5.15 3.66 -29.60
N THR D 104 4.62 4.81 -30.01
CA THR D 104 3.90 4.91 -31.28
C THR D 104 3.57 6.35 -31.70
N ALA E 2 -29.60 5.59 -4.38
CA ALA E 2 -29.42 7.03 -4.74
C ALA E 2 -30.59 7.52 -5.57
N VAL E 3 -31.44 8.35 -4.95
CA VAL E 3 -32.61 8.91 -5.62
C VAL E 3 -32.19 10.10 -6.49
N VAL E 4 -32.59 10.06 -7.76
CA VAL E 4 -32.28 11.12 -8.71
C VAL E 4 -33.50 12.00 -8.93
N THR E 5 -33.51 13.16 -8.25
CA THR E 5 -34.61 14.12 -8.36
C THR E 5 -34.29 15.17 -9.43
N GLU E 7 -37.09 18.23 -11.59
CA GLU E 7 -38.32 18.94 -11.26
C GLU E 7 -39.51 18.17 -11.80
N SER E 8 -40.72 18.55 -11.39
CA SER E 8 -41.93 17.91 -11.87
C SER E 8 -42.20 18.29 -13.32
N ALA E 9 -42.23 19.59 -13.57
CA ALA E 9 -42.46 20.11 -14.93
C ALA E 9 -42.03 21.57 -15.06
N LEU E 10 -41.76 21.99 -16.30
CA LEU E 10 -41.42 23.38 -16.60
C LEU E 10 -42.22 23.90 -17.79
N THR E 11 -42.34 25.23 -17.87
CA THR E 11 -43.14 25.88 -18.91
C THR E 11 -42.36 27.04 -19.54
N THR E 12 -41.90 26.83 -20.76
CA THR E 12 -41.19 27.85 -21.52
C THR E 12 -42.01 28.32 -22.72
N SER E 13 -41.69 29.50 -23.23
CA SER E 13 -42.33 30.02 -24.44
C SER E 13 -41.42 29.75 -25.63
N PRO E 14 -41.96 29.82 -26.85
CA PRO E 14 -41.14 29.72 -28.06
C PRO E 14 -40.14 30.86 -28.19
N GLY E 15 -38.84 30.53 -28.23
CA GLY E 15 -37.78 31.51 -28.36
C GLY E 15 -37.00 31.75 -27.07
N GLU E 16 -37.65 31.53 -25.93
CA GLU E 16 -37.04 31.77 -24.63
C GLU E 16 -36.13 30.62 -24.20
N THR E 17 -35.21 30.91 -23.29
CA THR E 17 -34.29 29.91 -22.74
C THR E 17 -34.88 29.28 -21.48
N VAL E 18 -34.66 27.98 -21.32
CA VAL E 18 -35.18 27.23 -20.16
C VAL E 18 -34.12 26.25 -19.64
N THR E 19 -33.96 26.20 -18.32
CA THR E 19 -32.93 25.37 -17.70
C THR E 19 -33.53 24.24 -16.86
N LEU E 20 -33.35 23.01 -17.33
CA LEU E 20 -33.74 21.82 -16.56
C LEU E 20 -32.59 21.46 -15.60
N THR E 21 -32.89 20.61 -14.62
CA THR E 21 -31.89 20.21 -13.63
C THR E 21 -31.95 18.72 -13.30
N CYS E 22 -30.94 18.24 -12.57
CA CYS E 22 -30.86 16.83 -12.17
C CYS E 22 -30.05 16.69 -10.87
N ARG E 23 -30.70 16.98 -9.76
CA ARG E 23 -30.11 16.85 -8.42
C ARG E 23 -29.83 15.40 -8.05
N SER E 24 -28.82 15.19 -7.20
CA SER E 24 -28.49 13.89 -6.65
C SER E 24 -28.65 13.91 -5.13
N SER E 25 -29.10 12.79 -4.57
CA SER E 25 -29.35 12.69 -3.13
C SER E 25 -28.07 12.49 -2.32
N THR E 26 -27.12 11.75 -2.89
CA THR E 26 -25.84 11.46 -2.20
C THR E 26 -25.01 12.72 -1.98
N GLY E 27 -24.99 13.60 -2.97
CA GLY E 27 -24.26 14.86 -2.86
C GLY E 27 -24.31 15.70 -4.12
N ALA E 28 -23.23 16.43 -4.39
CA ALA E 28 -23.14 17.28 -5.58
C ALA E 28 -22.80 16.43 -6.81
N VAL E 29 -23.34 16.84 -7.96
CA VAL E 29 -23.10 16.12 -9.21
C VAL E 29 -21.79 16.58 -9.83
N THR E 30 -20.93 15.61 -10.14
CA THR E 30 -19.60 15.88 -10.70
C THR E 30 -19.48 15.32 -12.11
N THR E 31 -18.30 15.44 -12.71
CA THR E 31 -18.03 14.89 -14.03
C THR E 31 -17.89 13.37 -14.02
N SER E 32 -17.68 12.79 -12.84
CA SER E 32 -17.61 11.34 -12.68
C SER E 32 -18.99 10.67 -12.86
N ASN E 33 -20.05 11.44 -12.67
CA ASN E 33 -21.42 10.95 -12.87
C ASN E 33 -21.81 10.86 -14.35
N TYR E 34 -21.15 11.63 -15.21
CA TYR E 34 -21.43 11.60 -16.64
C TYR E 34 -22.93 11.79 -16.91
N ALA E 35 -23.43 12.98 -16.60
CA ALA E 35 -24.86 13.27 -16.63
C ALA E 35 -25.47 13.09 -18.03
N ASN E 36 -26.38 12.13 -18.14
CA ASN E 36 -27.06 11.82 -19.40
C ASN E 36 -28.41 12.52 -19.49
N TRP E 37 -28.96 12.54 -20.69
CA TRP E 37 -30.23 13.23 -20.99
C TRP E 37 -30.91 12.59 -22.19
N VAL E 38 -32.21 12.32 -22.08
CA VAL E 38 -32.99 11.69 -23.15
C VAL E 38 -34.36 12.33 -23.29
N GLN E 39 -34.85 12.44 -24.54
CA GLN E 39 -36.11 13.10 -24.85
C GLN E 39 -37.15 12.08 -25.34
N GLU E 40 -38.24 11.92 -24.58
CA GLU E 40 -39.34 11.05 -24.96
C GLU E 40 -40.49 11.84 -25.57
N LYS E 41 -40.51 11.93 -26.88
CA LYS E 41 -41.64 12.49 -27.63
C LYS E 41 -42.81 11.49 -27.57
N PRO E 42 -44.02 11.93 -27.91
CA PRO E 42 -45.19 11.03 -27.92
C PRO E 42 -45.03 9.78 -28.80
N ARG E 43 -45.90 8.80 -28.60
CA ARG E 43 -45.88 7.53 -29.33
C ARG E 43 -44.66 6.66 -29.00
N HIS E 44 -44.08 6.88 -27.82
CA HIS E 44 -42.87 6.17 -27.37
C HIS E 44 -41.72 6.30 -28.37
N LEU E 45 -41.17 7.51 -28.48
CA LEU E 45 -40.06 7.81 -29.37
C LEU E 45 -38.90 8.43 -28.57
N PHE E 46 -37.93 7.60 -28.19
CA PHE E 46 -36.79 8.07 -27.40
C PHE E 46 -35.62 8.48 -28.31
N THR E 47 -34.84 9.45 -27.84
CA THR E 47 -33.69 9.96 -28.60
C THR E 47 -32.68 10.63 -27.65
N GLY E 48 -31.54 9.97 -27.44
CA GLY E 48 -30.50 10.49 -26.57
C GLY E 48 -29.87 11.78 -27.06
N LEU E 49 -29.95 12.83 -26.24
CA LEU E 49 -29.45 14.14 -26.60
C LEU E 49 -27.99 14.34 -26.19
N ILE E 50 -27.72 14.26 -24.88
CA ILE E 50 -26.38 14.55 -24.34
C ILE E 50 -25.96 13.49 -23.32
N GLY E 51 -24.65 13.27 -23.21
CA GLY E 51 -24.07 12.39 -22.21
C GLY E 51 -22.62 12.72 -21.91
N GLY E 52 -22.16 12.29 -20.74
CA GLY E 52 -20.83 12.64 -20.27
C GLY E 52 -20.74 14.11 -19.89
N THR E 53 -21.79 14.59 -19.23
CA THR E 53 -21.95 16.00 -18.84
C THR E 53 -22.36 16.91 -20.00
N ASN E 54 -21.45 17.20 -20.92
CA ASN E 54 -21.66 18.22 -21.95
C ASN E 54 -21.41 17.79 -23.40
N ASN E 55 -21.05 16.53 -23.63
CA ASN E 55 -20.73 16.05 -24.99
C ASN E 55 -21.98 15.64 -25.75
N ARG E 56 -22.28 16.35 -26.83
CA ARG E 56 -23.48 16.10 -27.63
C ARG E 56 -23.29 14.89 -28.55
N ALA E 57 -24.39 14.21 -28.85
CA ALA E 57 -24.39 13.09 -29.79
C ALA E 57 -24.54 13.63 -31.22
N PRO E 58 -24.13 12.84 -32.22
CA PRO E 58 -24.33 13.23 -33.63
C PRO E 58 -25.81 13.26 -34.02
N GLY E 59 -26.23 14.33 -34.69
CA GLY E 59 -27.61 14.48 -35.14
C GLY E 59 -28.51 15.26 -34.18
N VAL E 60 -27.99 15.58 -33.00
CA VAL E 60 -28.75 16.32 -31.98
C VAL E 60 -28.55 17.83 -32.20
N PRO E 61 -29.64 18.60 -32.20
CA PRO E 61 -29.54 20.06 -32.31
C PRO E 61 -28.58 20.69 -31.29
N ALA E 62 -27.88 21.74 -31.72
CA ALA E 62 -26.86 22.39 -30.89
C ALA E 62 -27.47 23.24 -29.77
N ARG E 63 -28.75 23.57 -29.88
CA ARG E 63 -29.45 24.33 -28.83
C ARG E 63 -29.42 23.60 -27.49
N PHE E 64 -29.49 22.27 -27.54
CA PHE E 64 -29.34 21.45 -26.33
C PHE E 64 -27.88 21.47 -25.89
N SER E 65 -27.63 21.82 -24.64
CA SER E 65 -26.27 21.89 -24.11
C SER E 65 -26.19 21.45 -22.65
N GLY E 66 -25.08 20.82 -22.29
CA GLY E 66 -24.89 20.29 -20.95
C GLY E 66 -23.87 21.05 -20.12
N SER E 67 -24.10 21.12 -18.82
CA SER E 67 -23.18 21.80 -17.89
C SER E 67 -23.44 21.39 -16.43
N LEU E 68 -22.58 21.87 -15.54
CA LEU E 68 -22.73 21.63 -14.10
C LEU E 68 -22.98 22.94 -13.37
N ILE E 69 -24.25 23.32 -13.25
CA ILE E 69 -24.64 24.56 -12.58
C ILE E 69 -24.86 24.28 -11.09
N GLY E 70 -23.86 24.62 -10.27
CA GLY E 70 -23.94 24.43 -8.83
C GLY E 70 -23.75 22.97 -8.43
N ASN E 71 -24.73 22.43 -7.71
CA ASN E 71 -24.68 21.04 -7.25
C ASN E 71 -25.57 20.10 -8.10
N LYS E 72 -25.89 20.53 -9.32
CA LYS E 72 -26.74 19.74 -10.22
C LYS E 72 -26.25 19.82 -11.67
N ALA E 73 -26.62 18.81 -12.46
CA ALA E 73 -26.43 18.85 -13.91
C ALA E 73 -27.55 19.68 -14.52
N ALA E 74 -27.47 19.94 -15.82
CA ALA E 74 -28.47 20.76 -16.49
C ALA E 74 -28.58 20.53 -18.00
N LEU E 75 -29.74 20.87 -18.56
CA LEU E 75 -29.99 20.79 -19.99
C LEU E 75 -30.63 22.10 -20.47
N THR E 76 -29.80 23.07 -20.80
CA THR E 76 -30.26 24.39 -21.25
C THR E 76 -30.66 24.35 -22.72
N ILE E 77 -31.96 24.52 -22.97
CA ILE E 77 -32.49 24.61 -24.34
C ILE E 77 -32.57 26.09 -24.74
N THR E 78 -31.49 26.57 -25.37
CA THR E 78 -31.42 27.95 -25.83
C THR E 78 -32.24 28.14 -27.10
N GLY E 79 -33.42 28.74 -26.97
CA GLY E 79 -34.34 28.90 -28.08
C GLY E 79 -35.17 27.66 -28.27
N ALA E 80 -36.25 27.54 -27.50
CA ALA E 80 -37.10 26.35 -27.50
C ALA E 80 -38.03 26.33 -28.71
N GLN E 81 -38.23 25.14 -29.27
CA GLN E 81 -39.11 24.94 -30.41
C GLN E 81 -40.45 24.33 -29.98
N THR E 82 -41.40 24.30 -30.90
CA THR E 82 -42.70 23.66 -30.64
C THR E 82 -42.56 22.14 -30.61
N GLU E 83 -41.60 21.61 -31.37
CA GLU E 83 -41.32 20.17 -31.39
C GLU E 83 -40.60 19.68 -30.12
N ASP E 84 -40.02 20.60 -29.36
CA ASP E 84 -39.34 20.25 -28.12
C ASP E 84 -40.28 19.83 -26.98
N GLU E 85 -41.58 20.09 -27.15
CA GLU E 85 -42.59 19.69 -26.16
C GLU E 85 -42.56 18.19 -25.91
N ALA E 86 -41.85 17.80 -24.85
CA ALA E 86 -41.65 16.38 -24.51
C ALA E 86 -41.09 16.21 -23.10
N ILE E 87 -41.09 14.97 -22.61
CA ILE E 87 -40.52 14.65 -21.30
C ILE E 87 -38.99 14.62 -21.42
N TYR E 88 -38.30 14.90 -20.31
CA TYR E 88 -36.85 14.92 -20.29
C TYR E 88 -36.29 14.24 -19.04
N PHE E 89 -35.91 12.97 -19.18
CA PHE E 89 -35.27 12.22 -18.11
C PHE E 89 -33.77 12.53 -18.06
N CYS E 90 -33.15 12.28 -16.92
CA CYS E 90 -31.69 12.30 -16.78
C CYS E 90 -31.22 10.96 -16.22
N ALA E 91 -29.90 10.78 -16.11
CA ALA E 91 -29.34 9.50 -15.66
C ALA E 91 -27.91 9.63 -15.16
N LEU E 92 -27.74 9.62 -13.84
CA LEU E 92 -26.43 9.75 -13.20
C LEU E 92 -25.78 8.38 -12.95
N TRP E 93 -24.46 8.34 -13.06
CA TRP E 93 -23.69 7.09 -12.97
C TRP E 93 -22.99 7.02 -11.62
N TYR E 94 -23.32 5.75 -10.77
CA TYR E 94 -22.84 5.57 -9.37
C TYR E 94 -21.53 4.83 -9.31
N SER E 95 -20.87 4.58 -10.45
CA SER E 95 -19.59 3.83 -10.34
C SER E 95 -19.82 2.39 -10.76
N ASN E 96 -21.13 1.94 -10.73
CA ASN E 96 -21.37 0.56 -11.16
C ASN E 96 -22.62 0.42 -12.01
N HIS E 97 -23.51 1.38 -12.00
CA HIS E 97 -24.77 1.36 -12.78
C HIS E 97 -25.35 2.76 -12.92
N LEU E 98 -26.24 2.78 -13.57
CA LEU E 98 -26.98 3.98 -13.95
C LEU E 98 -28.32 4.03 -13.23
N VAL E 99 -28.81 5.25 -12.96
CA VAL E 99 -30.06 5.46 -12.23
C VAL E 99 -30.84 6.62 -12.87
N PHE E 100 -32.01 6.31 -13.43
CA PHE E 100 -32.85 7.32 -14.07
C PHE E 100 -33.64 8.13 -13.04
N GLY E 101 -34.12 9.30 -13.46
CA GLY E 101 -34.89 10.18 -12.61
C GLY E 101 -36.38 10.10 -12.89
N GLY E 102 -37.14 11.01 -12.28
CA GLY E 102 -38.58 11.04 -12.42
C GLY E 102 -39.07 11.55 -13.77
N GLY E 103 -38.41 12.58 -14.28
CA GLY E 103 -38.75 13.16 -15.57
C GLY E 103 -39.31 14.57 -15.42
N THR E 104 -39.14 15.37 -16.47
CA THR E 104 -39.59 16.77 -16.47
C THR E 104 -40.38 17.08 -17.74
N LYS E 105 -41.71 17.17 -17.60
CA LYS E 105 -42.59 17.42 -18.74
C LYS E 105 -42.53 18.89 -19.17
N LEU E 106 -41.74 19.16 -20.20
CA LEU E 106 -41.65 20.49 -20.79
C LEU E 106 -42.87 20.75 -21.69
N THR E 107 -43.45 21.94 -21.55
CA THR E 107 -44.63 22.33 -22.33
C THR E 107 -44.38 23.70 -22.98
N VAL E 108 -44.23 23.70 -24.30
CA VAL E 108 -43.95 24.92 -25.05
C VAL E 108 -45.25 25.54 -25.56
N LEU E 109 -45.48 26.81 -25.19
CA LEU E 109 -46.70 27.51 -25.56
C LEU E 109 -46.64 27.98 -27.02
N ALA F 2 -8.78 -10.94 16.44
CA ALA F 2 -7.35 -10.81 16.82
C ALA F 2 -7.21 -9.94 18.07
N VAL F 3 -6.85 -10.58 19.18
CA VAL F 3 -6.66 -9.88 20.45
C VAL F 3 -5.27 -9.24 20.49
N VAL F 4 -5.21 -7.98 20.92
CA VAL F 4 -3.96 -7.25 21.01
C VAL F 4 -3.49 -7.17 22.47
N THR F 5 -2.55 -8.04 22.83
CA THR F 5 -2.00 -8.09 24.18
C THR F 5 -0.93 -7.01 24.37
N GLN F 6 -0.85 -6.48 25.58
CA GLN F 6 0.24 -5.58 25.99
C GLN F 6 0.63 -5.91 27.44
N GLU F 7 1.38 -5.02 28.07
CA GLU F 7 1.52 -5.03 29.53
C GLU F 7 0.38 -4.20 30.10
N SER F 8 0.62 -3.94 31.78
CA SER F 8 -0.11 -4.31 33.03
C SER F 8 -0.06 -3.36 34.23
N ALA F 9 1.12 -3.19 34.83
CA ALA F 9 1.37 -2.12 35.80
C ALA F 9 2.88 -2.02 36.12
N LEU F 10 3.64 -1.60 35.11
CA LEU F 10 5.08 -1.40 35.20
C LEU F 10 5.44 -0.21 36.11
N THR F 11 6.72 0.11 36.20
CA THR F 11 7.19 1.30 36.92
C THR F 11 8.53 1.82 36.39
N THR F 12 8.61 3.14 36.21
CA THR F 12 9.88 3.80 35.86
C THR F 12 9.95 5.25 36.39
N SER F 13 11.17 5.78 36.49
CA SER F 13 11.40 7.11 37.07
C SER F 13 11.69 8.14 35.98
N PRO F 14 11.70 9.43 36.35
CA PRO F 14 12.13 10.49 35.43
C PRO F 14 13.62 10.39 35.10
N GLY F 15 13.96 10.43 33.81
CA GLY F 15 15.34 10.28 33.37
C GLY F 15 15.66 8.86 32.92
N GLU F 16 14.97 7.88 33.49
CA GLU F 16 15.17 6.47 33.15
C GLU F 16 14.56 6.13 31.80
N THR F 17 14.96 4.98 31.25
CA THR F 17 14.43 4.50 29.98
C THR F 17 13.43 3.37 30.23
N VAL F 18 12.26 3.46 29.61
CA VAL F 18 11.22 2.44 29.71
C VAL F 18 10.82 1.96 28.32
N THR F 19 10.63 0.65 28.17
CA THR F 19 10.26 0.06 26.88
C THR F 19 8.90 -0.61 26.96
N LEU F 20 8.04 -0.30 25.98
CA LEU F 20 6.68 -0.81 25.92
C LEU F 20 6.60 -1.89 24.83
N THR F 21 5.53 -2.67 24.87
CA THR F 21 5.29 -3.71 23.86
C THR F 21 3.88 -3.67 23.31
N CYS F 22 3.63 -4.45 22.26
CA CYS F 22 2.32 -4.49 21.60
C CYS F 22 2.16 -5.75 20.76
N ARG F 23 0.61 -7.75 22.67
CA ARG F 23 1.09 -8.93 21.89
C ARG F 23 0.04 -9.35 20.88
N SER F 24 0.48 -9.57 19.64
CA SER F 24 -0.40 -10.00 18.56
C SER F 24 -0.69 -11.50 18.67
N SER F 25 -1.98 -11.85 18.70
CA SER F 25 -2.40 -13.24 18.81
C SER F 25 -2.26 -14.01 17.49
N THR F 26 -2.34 -13.30 16.38
CA THR F 26 -2.24 -13.91 15.05
C THR F 26 -0.80 -14.31 14.75
N ALA F 28 2.57 -12.63 14.93
CA ALA F 28 3.75 -11.79 15.02
C ALA F 28 3.52 -10.45 14.33
N VAL F 29 4.04 -9.38 14.93
CA VAL F 29 3.90 -8.03 14.40
C VAL F 29 5.02 -7.75 13.40
N THR F 30 4.65 -7.14 12.26
CA THR F 30 5.60 -6.81 11.20
C THR F 30 5.36 -5.39 10.69
N ASN F 36 0.09 1.93 15.47
CA ASN F 36 -0.21 3.33 15.73
C ASN F 36 -0.35 3.61 17.22
N TRP F 37 0.60 4.38 17.75
CA TRP F 37 0.71 4.62 19.20
C TRP F 37 0.05 5.94 19.61
N VAL F 38 -1.19 5.84 20.10
CA VAL F 38 -1.97 6.98 20.57
C VAL F 38 -1.52 7.36 22.00
N GLN F 39 -2.02 8.48 22.51
CA GLN F 39 -1.74 8.90 23.89
C GLN F 39 -2.93 9.63 24.52
N GLU F 40 -3.76 8.88 25.25
CA GLU F 40 -4.88 9.44 25.99
C GLU F 40 -4.45 10.04 27.34
N LYS F 41 -4.35 11.37 27.39
CA LYS F 41 -4.19 12.10 28.65
C LYS F 41 -5.51 12.08 29.43
N PRO F 42 -5.48 12.40 30.73
CA PRO F 42 -6.70 12.48 31.54
C PRO F 42 -7.78 13.42 30.97
N ARG F 43 -9.02 13.25 31.42
CA ARG F 43 -10.16 14.03 30.95
C ARG F 43 -10.55 13.70 29.51
N HIS F 44 -10.26 12.47 29.08
CA HIS F 44 -10.57 11.98 27.73
C HIS F 44 -9.94 12.82 26.60
N LEU F 45 -8.75 13.35 26.85
CA LEU F 45 -7.98 14.05 25.83
C LEU F 45 -7.14 13.01 25.08
N PHE F 46 -7.08 13.15 23.76
CA PHE F 46 -6.34 12.20 22.91
C PHE F 46 -5.31 12.92 22.04
N THR F 47 -4.23 12.20 21.68
CA THR F 47 -3.14 12.77 20.88
C THR F 47 -2.26 11.68 20.28
N GLY F 48 -2.22 11.60 18.95
CA GLY F 48 -1.39 10.64 18.25
C GLY F 48 0.09 10.97 18.35
N LEU F 49 0.94 9.96 18.19
CA LEU F 49 2.39 10.12 18.29
C LEU F 49 3.11 9.44 17.11
N ILE F 50 2.98 8.12 17.03
CA ILE F 50 3.65 7.32 16.01
C ILE F 50 2.62 6.59 15.13
N GLY F 51 3.01 6.27 13.90
CA GLY F 51 2.17 5.52 12.98
C GLY F 51 3.00 4.79 11.94
N GLY F 52 2.78 3.48 11.81
CA GLY F 52 3.55 2.65 10.90
C GLY F 52 4.90 2.27 11.48
N THR F 53 4.88 1.77 12.70
CA THR F 53 6.07 1.26 13.41
C THR F 53 6.92 2.33 14.09
N ASN F 54 7.63 3.14 13.31
CA ASN F 54 8.64 4.07 13.85
C ASN F 54 8.63 5.49 13.28
N ASN F 55 7.56 5.88 12.60
CA ASN F 55 7.48 7.22 11.99
C ASN F 55 6.80 8.23 12.92
N ARG F 56 7.57 9.21 13.39
CA ARG F 56 7.07 10.20 14.36
C ARG F 56 6.32 11.33 13.65
N ALA F 57 5.57 12.11 14.42
CA ALA F 57 4.83 13.26 13.89
C ALA F 57 5.56 14.57 14.20
N PRO F 61 8.11 14.65 20.26
CA PRO F 61 9.49 14.79 20.74
C PRO F 61 10.41 13.68 20.25
N ALA F 62 11.71 13.91 20.34
CA ALA F 62 12.71 12.95 19.88
C ALA F 62 12.77 11.70 20.76
N ARG F 63 12.44 11.86 22.04
CA ARG F 63 12.42 10.74 22.98
C ARG F 63 11.45 9.63 22.59
N PHE F 64 10.31 10.00 22.00
CA PHE F 64 9.31 9.04 21.57
C PHE F 64 9.72 8.34 20.27
N SER F 65 10.42 7.22 20.41
CA SER F 65 10.92 6.44 19.27
C SER F 65 10.23 5.09 19.17
N GLY F 66 10.08 4.60 17.94
CA GLY F 66 9.46 3.31 17.68
C GLY F 66 10.41 2.31 17.04
N SER F 67 10.15 1.02 17.25
CA SER F 67 10.97 -0.05 16.68
C SER F 67 10.24 -1.40 16.69
N LEU F 68 10.98 -2.47 16.40
CA LEU F 68 10.46 -3.84 16.53
C LEU F 68 11.40 -4.67 17.41
N ILE F 69 10.81 -5.44 18.32
CA ILE F 69 11.56 -6.28 19.25
C ILE F 69 11.06 -7.73 19.16
N GLY F 70 11.68 -8.50 18.26
CA GLY F 70 11.32 -9.89 18.05
C GLY F 70 10.03 -10.02 17.26
N ASN F 71 8.91 -10.07 17.96
CA ASN F 71 7.58 -10.14 17.34
C ASN F 71 6.55 -9.27 18.08
N LYS F 72 7.01 -8.14 18.60
CA LYS F 72 6.16 -7.23 19.38
C LYS F 72 6.59 -5.78 19.14
N ALA F 73 5.71 -4.99 18.51
CA ALA F 73 5.98 -3.57 18.27
C ALA F 73 6.18 -2.83 19.58
N ALA F 74 7.12 -1.88 19.60
CA ALA F 74 7.55 -1.22 20.83
C ALA F 74 7.60 0.31 20.74
N LEU F 75 7.68 0.95 21.89
CA LEU F 75 7.78 2.41 21.99
C LEU F 75 8.72 2.79 23.14
N THR F 76 10.01 2.86 22.84
CA THR F 76 11.01 3.24 23.83
C THR F 76 10.99 4.75 24.05
N ILE F 77 10.76 5.15 25.30
CA ILE F 77 10.76 6.56 25.68
C ILE F 77 12.04 6.87 26.46
N THR F 78 13.09 7.25 25.74
CA THR F 78 14.40 7.51 26.35
C THR F 78 14.39 8.88 27.04
N GLY F 79 14.51 8.86 28.37
CA GLY F 79 14.43 10.08 29.15
C GLY F 79 12.98 10.54 29.29
N ALA F 80 12.17 9.73 29.97
CA ALA F 80 10.74 10.01 30.13
C ALA F 80 10.50 11.19 31.07
N GLN F 81 9.68 12.13 30.62
CA GLN F 81 9.37 13.33 31.41
C GLN F 81 8.14 13.11 32.29
N THR F 82 7.82 14.12 33.09
CA THR F 82 6.62 14.09 33.94
C THR F 82 5.35 14.26 33.12
N GLU F 83 5.42 15.09 32.08
CA GLU F 83 4.28 15.34 31.19
C GLU F 83 3.94 14.14 30.29
N ASP F 84 4.91 13.23 30.10
CA ASP F 84 4.71 12.03 29.30
C ASP F 84 3.59 11.13 29.86
N GLU F 85 3.44 11.14 31.19
CA GLU F 85 2.39 10.37 31.87
C GLU F 85 1.03 10.53 31.18
N ALA F 86 0.45 9.39 30.80
CA ALA F 86 -0.85 9.33 30.10
C ALA F 86 -1.10 7.90 29.66
N ILE F 87 -2.36 7.47 29.68
CA ILE F 87 -2.73 6.16 29.14
C ILE F 87 -2.48 6.16 27.64
N TYR F 88 -1.34 5.64 27.20
CA TYR F 88 -1.08 5.49 25.77
C TYR F 88 -1.92 4.31 25.29
N PHE F 89 -2.17 4.23 23.99
CA PHE F 89 -2.79 3.05 23.40
C PHE F 89 -1.99 2.63 22.16
N CYS F 90 -2.10 1.37 21.78
CA CYS F 90 -1.41 0.86 20.59
C CYS F 90 -2.33 0.00 19.72
N ALA F 91 -2.03 -0.01 18.42
CA ALA F 91 -2.85 -0.73 17.45
C ALA F 91 -2.00 -1.28 16.31
N VAL F 99 -7.85 -3.22 15.55
CA VAL F 99 -7.70 -3.66 16.93
C VAL F 99 -6.92 -2.63 17.73
N PHE F 100 -7.51 -2.16 18.84
CA PHE F 100 -6.94 -1.09 19.64
C PHE F 100 -6.35 -1.63 20.95
N GLY F 101 -5.70 -0.75 21.71
CA GLY F 101 -5.09 -1.09 22.98
C GLY F 101 -6.11 -1.33 24.08
N GLY F 102 -5.63 -1.78 25.24
CA GLY F 102 -6.50 -2.15 26.36
C GLY F 102 -6.51 -1.18 27.52
N GLY F 103 -5.39 -0.51 27.78
CA GLY F 103 -5.24 0.32 28.96
C GLY F 103 -4.64 -0.52 30.09
N THR F 104 -4.05 0.15 31.09
CA THR F 104 -3.19 -0.57 32.03
C THR F 104 -2.69 0.21 33.23
N LYS F 105 -0.98 1.80 31.56
CA LYS F 105 -0.92 2.97 32.43
C LYS F 105 0.51 3.18 32.97
N LEU F 106 1.24 4.09 32.32
CA LEU F 106 2.57 4.48 32.77
C LEU F 106 2.45 5.47 33.93
N THR F 107 3.26 5.25 34.97
CA THR F 107 3.26 6.09 36.16
C THR F 107 4.69 6.53 36.47
N VAL F 108 4.97 7.82 36.27
CA VAL F 108 6.30 8.38 36.49
C VAL F 108 6.42 8.92 37.91
N LEU F 109 7.41 8.43 38.65
CA LEU F 109 7.62 8.83 40.04
C LEU F 109 8.24 10.22 40.12
#